data_8VZ7
#
_entry.id   8VZ7
#
_cell.length_a   74.890
_cell.length_b   142.170
_cell.length_c   163.070
_cell.angle_alpha   90.00
_cell.angle_beta   90.00
_cell.angle_gamma   90.00
#
_symmetry.space_group_name_H-M   'I 2 2 2'
#
loop_
_entity.id
_entity.type
_entity.pdbx_description
1 polymer 'Cytochrome P450 2C9'
2 non-polymer 'PROTOPORPHYRIN IX CONTAINING FE'
3 non-polymer [2-butyl-5-chloranyl-3-[[4-[2-(2H-1,2,3,4-tetrazol-5-yl)phenyl]phenyl]methyl]imidazol-4-yl]methanol
4 non-polymer beta-D-fructofuranose
5 non-polymer 'POTASSIUM ION'
6 water water
#
_entity_poly.entity_id   1
_entity_poly.type   'polypeptide(L)'
_entity_poly.pdbx_seq_one_letter_code
;MAKKTSGRGKLPPGPTPLPVIGNILQIGIKDISKSLTNLSKVYGPVFTLYFGLKPIVVLHGYEAVKEALIDLGEEFSGRG
IFPLAERANRGFGIVFSNGKKWKEIRRFSLMTLRNFGMGKRSIEDRVQEEALCLVEELRKTKASPCDPTFILGCAPCNVI
CSIIFHKRFDYKDQQFLNLMEKLNENIKILSSPWIQICNNFSPIIDYFPGTHNKLLKNVAFMKSYILEKVKEHQESMDMN
NPQDFIDCFLMKMEKEKHNQPSEFTIESLENTAVDLFGAGTETTSTTLRYALLLLLKHPEVTAKVQEEIERVIGRNRSPC
MQDRSHMPYTDAVVHEVQRYIDLLPTSLPHAVTCDIKFRNYLIPKGTTILISLTSVLHDNKEFPNPEMFDPHHFLDEGGN
FKKSKYFMPFSAGKRICVGEALAGMELFLFLTSILQNFNLKSLVDPKNLDTTPVVNGFASVPPFYQLCFIPIHHHH
;
_entity_poly.pdbx_strand_id   A
#
loop_
_chem_comp.id
_chem_comp.type
_chem_comp.name
_chem_comp.formula
FRU D-saccharide, beta linking beta-D-fructofuranose 'C6 H12 O6'
HEM non-polymer 'PROTOPORPHYRIN IX CONTAINING FE' 'C34 H32 Fe N4 O4'
K non-polymer 'POTASSIUM ION' 'K 1'
LSN non-polymer [2-butyl-5-chloranyl-3-[[4-[2-(2H-1,2,3,4-tetrazol-5-yl)phenyl]phenyl]methyl]imidazol-4-yl]methanol 'C22 H23 Cl N6 O'
#
# COMPACT_ATOMS: atom_id res chain seq x y z
N LYS A 10 16.35 26.60 15.23
CA LYS A 10 16.93 26.26 13.89
C LYS A 10 16.20 25.00 13.33
N LEU A 11 16.07 24.95 12.00
CA LEU A 11 15.74 23.72 11.30
C LEU A 11 17.00 22.87 11.23
N PRO A 12 16.83 21.55 11.02
CA PRO A 12 17.99 20.68 10.86
C PRO A 12 18.91 21.12 9.74
N PRO A 13 20.20 20.87 9.90
CA PRO A 13 21.08 21.28 8.83
C PRO A 13 20.79 20.53 7.51
N GLY A 14 21.19 21.09 6.39
CA GLY A 14 21.13 20.43 5.12
C GLY A 14 22.12 21.00 4.13
N PRO A 15 22.12 20.47 2.89
CA PRO A 15 22.90 21.12 1.83
C PRO A 15 22.26 22.45 1.56
N THR A 16 23.06 23.48 1.38
CA THR A 16 22.59 24.85 1.20
C THR A 16 21.82 24.97 -0.08
N PRO A 17 20.66 25.59 -0.01
CA PRO A 17 19.86 25.67 -1.22
C PRO A 17 20.39 26.73 -2.15
N LEU A 18 20.15 26.57 -3.44
CA LEU A 18 20.32 27.64 -4.42
C LEU A 18 19.15 28.63 -4.25
N PRO A 19 19.24 29.79 -4.86
CA PRO A 19 18.10 30.69 -4.83
C PRO A 19 17.03 30.24 -5.80
N VAL A 20 15.78 30.33 -5.39
CA VAL A 20 14.61 29.97 -6.20
C VAL A 20 14.44 28.53 -6.72
N ILE A 21 15.37 27.65 -6.43
CA ILE A 21 15.28 26.28 -6.89
C ILE A 21 15.69 25.36 -5.76
N GLY A 22 15.93 25.96 -4.60
CA GLY A 22 16.34 25.21 -3.43
C GLY A 22 17.42 24.16 -3.68
N ASN A 23 17.10 22.93 -3.26
CA ASN A 23 17.96 21.80 -3.42
C ASN A 23 17.56 20.95 -4.62
N ILE A 24 16.67 21.43 -5.48
CA ILE A 24 16.11 20.54 -6.52
C ILE A 24 17.20 19.91 -7.35
N LEU A 25 18.12 20.72 -7.84
CA LEU A 25 19.12 20.22 -8.76
C LEU A 25 20.21 19.35 -8.14
N GLN A 26 20.30 19.21 -6.82
CA GLN A 26 21.21 18.23 -6.22
C GLN A 26 20.61 16.83 -6.27
N ILE A 27 19.48 16.64 -5.60
CA ILE A 27 18.64 15.41 -5.60
C ILE A 27 18.47 14.74 -6.95
N GLY A 28 18.71 13.43 -6.97
CA GLY A 28 18.46 12.61 -8.14
C GLY A 28 17.01 12.16 -8.09
N ILE A 29 16.16 12.81 -8.88
CA ILE A 29 14.76 12.43 -8.95
C ILE A 29 14.63 10.97 -9.36
N LYS A 30 15.47 10.53 -10.29
CA LYS A 30 15.44 9.14 -10.74
C LYS A 30 15.29 8.15 -9.58
N ASP A 31 16.19 8.19 -8.58
CA ASP A 31 16.09 7.32 -7.36
C ASP A 31 16.16 8.09 -6.03
N ILE A 32 15.04 8.68 -5.64
CA ILE A 32 15.05 9.61 -4.56
C ILE A 32 15.60 9.03 -3.26
N SER A 33 15.28 7.78 -3.02
CA SER A 33 15.68 7.05 -1.84
C SER A 33 17.17 6.93 -1.68
N LYS A 34 17.88 6.67 -2.77
CA LYS A 34 19.32 6.56 -2.72
C LYS A 34 20.01 7.93 -2.45
N SER A 35 19.44 8.99 -3.01
CA SER A 35 19.90 10.32 -2.79
C SER A 35 19.76 10.67 -1.31
N LEU A 36 18.59 10.37 -0.75
CA LEU A 36 18.34 10.61 0.68
C LEU A 36 19.33 9.87 1.51
N THR A 37 19.65 8.67 1.10
CA THR A 37 20.60 7.87 1.85
C THR A 37 22.00 8.48 1.73
N ASN A 38 22.41 8.83 0.50
CA ASN A 38 23.68 9.53 0.29
C ASN A 38 23.79 10.82 1.16
N LEU A 39 22.73 11.61 1.18
CA LEU A 39 22.71 12.82 1.97
C LEU A 39 22.94 12.50 3.43
N SER A 40 22.30 11.44 3.89
CA SER A 40 22.39 11.03 5.28
C SER A 40 23.83 10.71 5.67
N LYS A 41 24.68 10.39 4.73
CA LYS A 41 26.06 10.09 5.03
C LYS A 41 26.90 11.34 5.28
N VAL A 42 26.40 12.47 4.84
CA VAL A 42 26.98 13.78 4.97
C VAL A 42 26.33 14.51 6.15
N TYR A 43 25.01 14.54 6.22
CA TYR A 43 24.33 15.29 7.26
C TYR A 43 23.70 14.58 8.43
N GLY A 44 23.83 13.28 8.49
CA GLY A 44 23.24 12.49 9.59
C GLY A 44 21.77 12.10 9.40
N PRO A 45 21.15 11.59 10.46
CA PRO A 45 19.80 11.02 10.34
C PRO A 45 18.68 12.00 10.18
N VAL A 46 18.91 13.30 10.43
CA VAL A 46 17.87 14.32 10.35
C VAL A 46 18.47 15.49 9.58
N PHE A 47 17.85 15.85 8.47
CA PHE A 47 18.33 16.90 7.60
C PHE A 47 17.21 17.52 6.83
N THR A 48 17.48 18.75 6.34
CA THR A 48 16.48 19.62 5.68
C THR A 48 16.83 19.77 4.20
N LEU A 49 15.82 19.64 3.35
CA LEU A 49 15.99 19.87 1.91
C LEU A 49 14.96 20.88 1.57
N TYR A 50 15.25 21.66 0.52
CA TYR A 50 14.40 22.76 0.04
C TYR A 50 13.92 22.43 -1.36
N PHE A 51 12.61 22.35 -1.46
CA PHE A 51 11.91 22.03 -2.69
C PHE A 51 11.44 23.40 -3.14
N GLY A 52 12.31 24.14 -3.79
CA GLY A 52 11.99 25.48 -4.18
C GLY A 52 11.36 26.28 -3.07
N LEU A 53 12.12 26.50 -2.01
CA LEU A 53 11.64 27.29 -0.88
C LEU A 53 10.79 26.64 0.18
N LYS A 54 10.34 25.43 -0.05
CA LYS A 54 9.45 24.72 0.85
C LYS A 54 10.44 23.81 1.54
N PRO A 55 10.59 23.95 2.83
CA PRO A 55 11.52 23.07 3.52
C PRO A 55 10.85 21.68 3.73
N ILE A 56 11.69 20.66 3.66
CA ILE A 56 11.29 19.30 3.86
C ILE A 56 12.30 18.70 4.81
N VAL A 57 11.86 18.21 5.97
CA VAL A 57 12.77 17.51 6.82
C VAL A 57 12.70 15.99 6.54
N VAL A 58 13.86 15.40 6.35
CA VAL A 58 13.98 14.00 6.07
C VAL A 58 14.41 13.29 7.34
N LEU A 59 13.77 12.16 7.63
CA LEU A 59 14.18 11.26 8.69
C LEU A 59 14.75 9.98 8.12
N HIS A 60 15.98 9.69 8.48
CA HIS A 60 16.63 8.53 8.00
C HIS A 60 17.15 7.65 9.15
N GLY A 61 16.96 6.34 9.01
CA GLY A 61 17.32 5.35 10.01
C GLY A 61 16.21 5.10 11.05
N TYR A 62 16.28 3.90 11.65
CA TYR A 62 15.29 3.45 12.61
C TYR A 62 15.04 4.44 13.78
N GLU A 63 16.08 4.84 14.48
CA GLU A 63 15.93 5.69 15.65
C GLU A 63 15.20 6.99 15.40
N ALA A 64 15.60 7.70 14.38
CA ALA A 64 14.94 8.90 14.01
C ALA A 64 13.50 8.65 13.64
N VAL A 65 13.26 7.61 12.85
CA VAL A 65 11.89 7.36 12.37
C VAL A 65 11.02 6.98 13.53
N LYS A 66 11.52 6.17 14.43
CA LYS A 66 10.75 5.75 15.58
C LYS A 66 10.49 6.90 16.52
N GLU A 67 11.51 7.69 16.78
CA GLU A 67 11.35 8.83 17.64
C GLU A 67 10.25 9.69 17.14
N ALA A 68 10.26 9.98 15.86
CA ALA A 68 9.21 10.83 15.32
C ALA A 68 7.87 10.14 15.18
N LEU A 69 7.81 8.99 14.50
CA LEU A 69 6.50 8.43 14.19
C LEU A 69 5.79 7.79 15.34
N ILE A 70 6.56 7.24 16.29
CA ILE A 70 6.01 6.47 17.37
C ILE A 70 6.03 7.31 18.68
N ASP A 71 7.20 7.75 19.14
CA ASP A 71 7.30 8.51 20.42
C ASP A 71 6.68 9.89 20.33
N LEU A 72 6.66 10.54 19.16
CA LEU A 72 6.05 11.85 18.97
C LEU A 72 4.94 11.78 17.93
N GLY A 73 4.14 10.73 18.07
CA GLY A 73 3.20 10.33 17.03
C GLY A 73 2.16 11.31 16.57
N GLU A 74 1.56 11.97 17.52
CA GLU A 74 0.47 12.91 17.21
C GLU A 74 1.04 14.14 16.46
N GLU A 75 2.25 14.52 16.83
CA GLU A 75 2.93 15.65 16.23
C GLU A 75 3.37 15.33 14.77
N PHE A 76 3.69 14.06 14.49
CA PHE A 76 4.04 13.69 13.17
C PHE A 76 2.87 13.02 12.41
N SER A 77 1.62 13.22 12.84
CA SER A 77 0.48 12.54 12.20
C SER A 77 -0.15 13.26 11.02
N GLY A 78 0.43 14.34 10.59
CA GLY A 78 -0.19 15.11 9.52
C GLY A 78 0.26 14.53 8.20
N ARG A 79 -0.58 14.69 7.19
CA ARG A 79 -0.24 14.39 5.81
C ARG A 79 0.32 15.66 5.12
N GLY A 80 1.55 15.57 4.62
CA GLY A 80 2.13 16.58 3.73
C GLY A 80 1.32 16.86 2.45
N ILE A 81 1.15 18.13 2.09
CA ILE A 81 0.30 18.60 1.00
C ILE A 81 1.22 19.12 -0.08
N PHE A 82 0.89 18.79 -1.32
CA PHE A 82 1.54 19.39 -2.49
C PHE A 82 0.40 19.81 -3.44
N PRO A 83 0.72 20.65 -4.44
CA PRO A 83 -0.31 21.05 -5.41
C PRO A 83 -1.15 19.89 -5.98
N LEU A 84 -0.51 18.74 -6.26
CA LEU A 84 -1.21 17.56 -6.83
C LEU A 84 -2.48 17.17 -6.03
N ALA A 85 -2.41 17.35 -4.71
CA ALA A 85 -3.53 17.10 -3.81
C ALA A 85 -4.79 17.84 -4.21
N GLU A 86 -4.63 19.09 -4.56
CA GLU A 86 -5.76 19.86 -5.02
C GLU A 86 -6.10 19.66 -6.49
N ARG A 87 -5.12 19.34 -7.31
CA ARG A 87 -5.32 19.17 -8.74
C ARG A 87 -6.06 17.88 -9.08
N ALA A 88 -5.89 16.87 -8.26
CA ALA A 88 -6.56 15.59 -8.40
C ALA A 88 -7.66 15.36 -7.32
N ASN A 89 -8.00 16.43 -6.62
CA ASN A 89 -9.02 16.42 -5.59
C ASN A 89 -8.87 15.21 -4.71
N ARG A 90 -7.78 15.19 -3.97
CA ARG A 90 -7.48 14.06 -3.15
C ARG A 90 -7.55 14.23 -1.66
N GLY A 91 -8.00 15.36 -1.16
CA GLY A 91 -7.88 15.59 0.31
C GLY A 91 -9.13 15.34 1.11
N PHE A 92 -10.06 14.58 0.55
CA PHE A 92 -11.37 14.49 1.14
C PHE A 92 -11.77 13.08 1.63
N GLY A 93 -10.83 12.14 1.60
CA GLY A 93 -11.04 10.78 2.15
C GLY A 93 -10.23 10.55 3.42
N ILE A 94 -9.40 9.52 3.39
CA ILE A 94 -8.51 9.19 4.49
C ILE A 94 -7.09 9.54 4.16
N VAL A 95 -6.68 9.18 2.96
CA VAL A 95 -5.21 9.12 2.63
C VAL A 95 -4.54 10.52 2.73
N PHE A 96 -5.22 11.51 2.19
CA PHE A 96 -4.68 12.85 2.07
C PHE A 96 -5.42 13.86 2.91
N SER A 97 -6.23 13.42 3.88
CA SER A 97 -7.00 14.36 4.72
C SER A 97 -6.20 14.69 5.98
N ASN A 98 -6.63 15.71 6.73
CA ASN A 98 -5.87 16.14 7.92
C ASN A 98 -6.90 16.54 8.98
N GLY A 99 -6.44 16.81 10.18
CA GLY A 99 -7.30 17.20 11.31
C GLY A 99 -8.47 16.28 11.61
N LYS A 100 -9.62 16.88 11.84
CA LYS A 100 -10.82 16.22 12.35
C LYS A 100 -11.40 15.27 11.31
N LYS A 101 -11.38 15.65 10.05
CA LYS A 101 -11.85 14.85 8.94
C LYS A 101 -11.13 13.51 8.90
N TRP A 102 -9.82 13.56 8.97
CA TRP A 102 -8.94 12.41 9.03
C TRP A 102 -9.18 11.55 10.28
N LYS A 103 -9.10 12.15 11.47
CA LYS A 103 -9.32 11.41 12.72
C LYS A 103 -10.59 10.61 12.71
N GLU A 104 -11.65 11.22 12.22
CA GLU A 104 -12.97 10.62 12.29
C GLU A 104 -13.16 9.55 11.27
N ILE A 105 -12.73 9.84 10.04
CA ILE A 105 -12.89 8.89 8.94
C ILE A 105 -11.94 7.70 9.14
N ARG A 106 -10.74 7.96 9.62
CA ARG A 106 -9.82 6.90 9.86
C ARG A 106 -10.34 6.01 10.94
N ARG A 107 -10.76 6.60 12.04
CA ARG A 107 -11.29 5.85 13.19
C ARG A 107 -12.41 4.94 12.80
N PHE A 108 -13.39 5.47 12.12
CA PHE A 108 -14.47 4.71 11.58
C PHE A 108 -14.04 3.58 10.61
N SER A 109 -13.08 3.89 9.76
CA SER A 109 -12.66 2.95 8.73
C SER A 109 -11.97 1.71 9.37
N LEU A 110 -11.11 1.97 10.37
CA LEU A 110 -10.49 0.95 11.17
C LEU A 110 -11.48 0.05 11.90
N MET A 111 -12.46 0.64 12.58
CA MET A 111 -13.54 -0.14 13.18
C MET A 111 -14.29 -0.98 12.14
N THR A 112 -14.58 -0.41 10.99
CA THR A 112 -15.37 -1.08 9.99
C THR A 112 -14.58 -2.22 9.32
N LEU A 113 -13.27 -2.06 9.26
CA LEU A 113 -12.42 -2.99 8.57
C LEU A 113 -11.83 -4.07 9.50
N ARG A 114 -12.28 -4.14 10.75
CA ARG A 114 -11.91 -5.29 11.58
C ARG A 114 -12.45 -6.56 10.98
N ASN A 115 -11.90 -7.68 11.34
CA ASN A 115 -12.30 -8.89 10.63
C ASN A 115 -13.81 -9.14 10.68
N PHE A 116 -14.45 -8.82 11.83
CA PHE A 116 -15.92 -8.98 11.93
C PHE A 116 -16.63 -7.65 12.10
N GLY A 117 -16.04 -6.57 11.64
CA GLY A 117 -16.68 -5.30 11.80
C GLY A 117 -17.71 -5.00 10.76
N MET A 118 -18.11 -5.94 9.93
CA MET A 118 -19.13 -5.62 8.91
C MET A 118 -20.21 -6.70 8.77
N GLY A 119 -20.78 -7.08 9.87
CA GLY A 119 -21.80 -8.11 9.97
C GLY A 119 -21.21 -9.46 10.32
N LYS A 120 -21.91 -10.53 9.92
CA LYS A 120 -21.46 -11.88 10.21
C LYS A 120 -20.33 -12.29 9.26
N ARG A 121 -20.52 -12.05 7.97
CA ARG A 121 -19.52 -12.41 6.96
C ARG A 121 -18.24 -11.63 7.25
N SER A 122 -17.16 -12.37 7.52
CA SER A 122 -15.88 -11.80 7.88
C SER A 122 -15.07 -11.35 6.68
N ILE A 123 -14.04 -10.55 6.94
CA ILE A 123 -13.16 -10.08 5.88
C ILE A 123 -12.43 -11.33 5.39
N GLU A 124 -11.93 -12.16 6.30
CA GLU A 124 -11.27 -13.40 5.94
C GLU A 124 -12.14 -14.24 5.03
N ASP A 125 -13.45 -14.34 5.28
CA ASP A 125 -14.28 -15.09 4.35
C ASP A 125 -14.26 -14.54 2.93
N ARG A 126 -14.24 -13.22 2.85
CA ARG A 126 -14.26 -12.54 1.58
C ARG A 126 -12.97 -12.81 0.83
N VAL A 127 -11.84 -12.77 1.53
CA VAL A 127 -10.56 -13.03 0.94
C VAL A 127 -10.44 -14.53 0.50
N GLN A 128 -10.98 -15.43 1.30
CA GLN A 128 -10.93 -16.86 1.03
C GLN A 128 -11.70 -17.22 -0.20
N GLU A 129 -12.85 -16.60 -0.37
CA GLU A 129 -13.62 -16.81 -1.59
C GLU A 129 -12.81 -16.27 -2.79
N GLU A 130 -12.12 -15.13 -2.63
CA GLU A 130 -11.37 -14.54 -3.76
C GLU A 130 -10.22 -15.43 -4.10
N ALA A 131 -9.61 -16.04 -3.09
CA ALA A 131 -8.52 -16.99 -3.32
C ALA A 131 -8.95 -18.24 -4.14
N LEU A 132 -10.21 -18.69 -4.02
CA LEU A 132 -10.67 -19.85 -4.81
C LEU A 132 -10.88 -19.41 -6.25
N CYS A 133 -11.55 -18.29 -6.42
CA CYS A 133 -11.61 -17.66 -7.72
C CYS A 133 -10.27 -17.41 -8.39
N LEU A 134 -9.28 -16.92 -7.63
CA LEU A 134 -7.97 -16.67 -8.20
C LEU A 134 -7.35 -17.96 -8.70
N VAL A 135 -7.42 -18.98 -7.90
CA VAL A 135 -6.88 -20.28 -8.29
C VAL A 135 -7.54 -20.78 -9.58
N GLU A 136 -8.85 -20.65 -9.66
CA GLU A 136 -9.55 -21.04 -10.85
C GLU A 136 -9.05 -20.31 -12.09
N GLU A 137 -8.95 -18.99 -12.09
CA GLU A 137 -8.39 -18.29 -13.28
C GLU A 137 -7.00 -18.77 -13.68
N LEU A 138 -6.19 -19.09 -12.67
CA LEU A 138 -4.88 -19.62 -12.92
C LEU A 138 -4.94 -21.01 -13.59
N ARG A 139 -5.87 -21.89 -13.20
CA ARG A 139 -6.15 -23.13 -13.98
C ARG A 139 -6.53 -22.90 -15.44
N LYS A 140 -7.40 -21.93 -15.68
CA LYS A 140 -7.82 -21.56 -17.05
C LYS A 140 -6.71 -21.11 -18.01
N THR A 141 -5.53 -20.76 -17.49
CA THR A 141 -4.40 -20.43 -18.34
C THR A 141 -3.80 -21.71 -18.95
N LYS A 142 -4.22 -22.87 -18.45
CA LYS A 142 -3.85 -24.23 -18.95
C LYS A 142 -2.35 -24.44 -19.09
N ALA A 143 -1.65 -23.90 -18.11
CA ALA A 143 -0.21 -24.04 -17.97
C ALA A 143 0.64 -23.39 -19.04
N SER A 144 0.09 -22.45 -19.79
CA SER A 144 0.85 -21.77 -20.82
C SER A 144 1.52 -20.51 -20.27
N PRO A 145 2.54 -19.97 -20.96
CA PRO A 145 3.12 -18.70 -20.54
C PRO A 145 2.08 -17.66 -20.28
N CYS A 146 2.38 -16.84 -19.29
CA CYS A 146 1.46 -15.86 -18.90
C CYS A 146 2.07 -14.80 -18.06
N ASP A 147 1.74 -13.58 -18.41
CA ASP A 147 2.06 -12.38 -17.64
C ASP A 147 0.97 -12.31 -16.57
N PRO A 148 1.33 -12.57 -15.27
CA PRO A 148 0.31 -12.64 -14.20
C PRO A 148 -0.23 -11.31 -13.78
N THR A 149 0.25 -10.21 -14.39
CA THR A 149 -0.19 -8.90 -14.01
C THR A 149 -1.69 -8.74 -13.84
N PHE A 150 -2.46 -9.04 -14.86
CA PHE A 150 -3.86 -8.77 -14.84
C PHE A 150 -4.54 -9.72 -13.84
N ILE A 151 -4.15 -10.98 -13.77
CA ILE A 151 -4.86 -11.91 -12.88
C ILE A 151 -4.64 -11.56 -11.42
N LEU A 152 -3.40 -11.28 -11.08
CA LEU A 152 -3.07 -10.95 -9.73
C LEU A 152 -3.64 -9.62 -9.34
N GLY A 153 -3.83 -8.71 -10.28
CA GLY A 153 -4.48 -7.43 -9.96
C GLY A 153 -5.99 -7.49 -9.74
N CYS A 154 -6.65 -8.47 -10.34
CA CYS A 154 -8.07 -8.63 -10.17
C CYS A 154 -8.44 -9.05 -8.73
N ALA A 155 -7.78 -10.05 -8.20
CA ALA A 155 -8.06 -10.53 -6.85
C ALA A 155 -8.17 -9.40 -5.77
N PRO A 156 -7.14 -8.53 -5.58
CA PRO A 156 -7.26 -7.46 -4.57
C PRO A 156 -8.28 -6.44 -4.90
N CYS A 157 -8.39 -6.10 -6.16
CA CYS A 157 -9.46 -5.18 -6.57
C CYS A 157 -10.87 -5.73 -6.15
N ASN A 158 -11.10 -7.03 -6.37
CA ASN A 158 -12.40 -7.65 -6.05
C ASN A 158 -12.66 -7.79 -4.55
N VAL A 159 -11.61 -8.01 -3.77
CA VAL A 159 -11.69 -7.94 -2.33
C VAL A 159 -12.24 -6.61 -1.86
N ILE A 160 -11.69 -5.48 -2.35
CA ILE A 160 -12.23 -4.12 -2.01
C ILE A 160 -13.67 -3.97 -2.46
N CYS A 161 -14.00 -4.50 -3.64
CA CYS A 161 -15.35 -4.52 -4.13
C CYS A 161 -16.27 -5.23 -3.15
N SER A 162 -15.84 -6.38 -2.68
CA SER A 162 -16.59 -7.18 -1.71
C SER A 162 -16.76 -6.42 -0.39
N ILE A 163 -15.72 -5.75 0.07
CA ILE A 163 -15.77 -5.01 1.33
C ILE A 163 -16.73 -3.81 1.26
N ILE A 164 -16.79 -3.17 0.11
CA ILE A 164 -17.52 -1.94 -0.02
C ILE A 164 -18.97 -2.15 -0.46
N PHE A 165 -19.17 -3.05 -1.40
CA PHE A 165 -20.46 -3.37 -1.95
C PHE A 165 -21.05 -4.68 -1.45
N HIS A 166 -20.31 -5.43 -0.65
CA HIS A 166 -20.80 -6.67 -0.08
C HIS A 166 -20.74 -7.92 -0.96
N LYS A 167 -20.59 -7.74 -2.24
CA LYS A 167 -20.62 -8.83 -3.17
C LYS A 167 -19.41 -8.68 -4.13
N ARG A 168 -18.61 -9.73 -4.31
CA ARG A 168 -17.59 -9.73 -5.39
C ARG A 168 -18.22 -9.78 -6.79
N PHE A 169 -17.43 -9.39 -7.77
CA PHE A 169 -17.77 -9.48 -9.18
C PHE A 169 -17.12 -10.68 -9.79
N ASP A 170 -17.69 -11.11 -10.89
CA ASP A 170 -17.13 -12.17 -11.68
C ASP A 170 -16.08 -11.46 -12.51
N TYR A 171 -14.92 -12.06 -12.67
CA TYR A 171 -13.84 -11.43 -13.41
C TYR A 171 -14.15 -10.98 -14.82
N LYS A 172 -15.32 -11.30 -15.35
CA LYS A 172 -15.64 -10.90 -16.71
C LYS A 172 -16.77 -9.91 -16.76
N ASP A 173 -17.32 -9.62 -15.61
CA ASP A 173 -18.39 -8.66 -15.53
C ASP A 173 -17.81 -7.36 -15.99
N GLN A 174 -18.38 -6.80 -17.02
CA GLN A 174 -17.93 -5.58 -17.64
C GLN A 174 -17.85 -4.40 -16.67
N GLN A 175 -18.73 -4.35 -15.67
CA GLN A 175 -18.72 -3.26 -14.70
C GLN A 175 -17.43 -3.31 -13.87
N PHE A 176 -16.90 -4.52 -13.70
CA PHE A 176 -15.68 -4.75 -12.94
C PHE A 176 -14.49 -4.35 -13.80
N LEU A 177 -14.52 -4.75 -15.07
CA LEU A 177 -13.42 -4.46 -15.95
C LEU A 177 -13.22 -2.95 -16.20
N ASN A 178 -14.32 -2.19 -16.22
CA ASN A 178 -14.28 -0.72 -16.26
C ASN A 178 -13.67 -0.08 -15.02
N LEU A 179 -14.11 -0.47 -13.83
CA LEU A 179 -13.55 0.02 -12.57
C LEU A 179 -12.08 -0.26 -12.55
N MET A 180 -11.72 -1.48 -12.87
CA MET A 180 -10.36 -1.85 -12.83
C MET A 180 -9.47 -1.09 -13.82
N GLU A 181 -9.96 -0.91 -15.03
CA GLU A 181 -9.25 -0.18 -16.04
C GLU A 181 -9.05 1.26 -15.66
N LYS A 182 -10.03 1.90 -15.06
CA LYS A 182 -9.90 3.28 -14.69
C LYS A 182 -8.82 3.43 -13.63
N LEU A 183 -8.82 2.47 -12.74
CA LEU A 183 -8.01 2.53 -11.60
C LEU A 183 -6.54 2.37 -12.07
N ASN A 184 -6.33 1.43 -12.96
CA ASN A 184 -5.05 1.21 -13.56
C ASN A 184 -4.52 2.42 -14.24
N GLU A 185 -5.35 3.03 -15.06
CA GLU A 185 -5.01 4.24 -15.75
C GLU A 185 -4.51 5.28 -14.75
N ASN A 186 -5.35 5.59 -13.77
CA ASN A 186 -5.05 6.61 -12.82
C ASN A 186 -3.74 6.34 -12.08
N ILE A 187 -3.55 5.11 -11.70
CA ILE A 187 -2.38 4.76 -10.93
C ILE A 187 -1.14 4.91 -11.83
N LYS A 188 -1.22 4.44 -13.08
CA LYS A 188 -0.11 4.60 -14.00
C LYS A 188 0.20 6.08 -14.27
N ILE A 189 -0.83 6.92 -14.38
CA ILE A 189 -0.62 8.35 -14.56
C ILE A 189 0.04 8.92 -13.33
N LEU A 190 -0.53 8.61 -12.19
CA LEU A 190 -0.02 9.06 -10.93
C LEU A 190 1.40 8.60 -10.68
N SER A 191 1.85 7.53 -11.31
CA SER A 191 3.22 7.09 -11.14
C SER A 191 4.24 7.94 -11.92
N SER A 192 3.80 8.76 -12.84
CA SER A 192 4.76 9.48 -13.67
C SER A 192 5.47 10.53 -12.83
N PRO A 193 6.78 10.63 -12.96
CA PRO A 193 7.48 11.73 -12.29
C PRO A 193 7.04 13.09 -12.73
N TRP A 194 6.43 13.25 -13.90
CA TRP A 194 5.96 14.59 -14.25
C TRP A 194 4.82 14.98 -13.37
N ILE A 195 4.00 14.02 -13.03
CA ILE A 195 2.79 14.29 -12.26
C ILE A 195 3.09 14.32 -10.76
N GLN A 196 3.96 13.42 -10.31
CA GLN A 196 4.34 13.36 -8.88
C GLN A 196 5.30 14.43 -8.41
N ILE A 197 6.23 14.86 -9.25
CA ILE A 197 7.30 15.69 -8.78
C ILE A 197 7.24 16.99 -9.50
N CYS A 198 7.65 16.94 -10.77
CA CYS A 198 7.91 18.13 -11.59
C CYS A 198 6.77 19.17 -11.58
N ASN A 199 5.52 18.71 -11.75
CA ASN A 199 4.37 19.62 -11.73
C ASN A 199 4.10 20.21 -10.34
N ASN A 200 4.48 19.52 -9.25
CA ASN A 200 4.49 20.18 -7.93
C ASN A 200 5.56 21.34 -7.78
N PHE A 201 6.54 21.48 -8.68
CA PHE A 201 7.47 22.66 -8.67
C PHE A 201 6.70 23.91 -8.94
N SER A 202 5.58 23.80 -9.67
CA SER A 202 4.70 24.92 -10.01
C SER A 202 3.59 25.06 -8.96
N PRO A 203 3.75 26.04 -8.04
CA PRO A 203 2.78 26.09 -6.96
C PRO A 203 1.37 26.46 -7.36
N ILE A 204 1.21 27.32 -8.36
CA ILE A 204 -0.11 27.74 -8.76
C ILE A 204 -0.58 27.26 -10.11
N ILE A 205 0.24 27.43 -11.13
CA ILE A 205 -0.13 27.02 -12.53
C ILE A 205 0.05 25.50 -12.76
N ASP A 206 -1.01 24.89 -13.28
CA ASP A 206 -1.02 23.47 -13.54
C ASP A 206 -0.53 23.27 -14.97
N TYR A 207 0.65 22.68 -15.12
CA TYR A 207 1.21 22.54 -16.46
C TYR A 207 0.73 21.26 -17.20
N PHE A 208 -0.19 20.48 -16.60
CA PHE A 208 -0.71 19.25 -17.23
C PHE A 208 -2.21 19.18 -17.02
N PRO A 209 -2.91 20.23 -17.41
CA PRO A 209 -4.34 20.33 -17.16
C PRO A 209 -5.16 19.22 -17.79
N GLY A 210 -4.78 18.80 -18.97
CA GLY A 210 -5.29 17.55 -19.58
C GLY A 210 -5.21 16.29 -18.76
N THR A 211 -4.06 16.12 -18.09
CA THR A 211 -3.78 14.91 -17.37
C THR A 211 -4.72 14.87 -16.17
N HIS A 212 -4.82 15.97 -15.46
CA HIS A 212 -5.68 16.05 -14.31
C HIS A 212 -7.13 15.91 -14.67
N ASN A 213 -7.49 16.37 -15.84
CA ASN A 213 -8.84 16.22 -16.32
C ASN A 213 -9.21 14.75 -16.49
N LYS A 214 -8.30 14.01 -17.11
CA LYS A 214 -8.43 12.58 -17.29
C LYS A 214 -8.53 11.90 -15.94
N LEU A 215 -7.66 12.25 -14.99
CA LEU A 215 -7.73 11.70 -13.64
C LEU A 215 -9.14 11.85 -13.01
N LEU A 216 -9.64 13.08 -13.06
CA LEU A 216 -10.89 13.45 -12.45
C LEU A 216 -12.10 12.82 -13.11
N LYS A 217 -12.00 12.57 -14.40
CA LYS A 217 -13.05 11.94 -15.16
C LYS A 217 -13.13 10.49 -14.74
N ASN A 218 -12.01 9.82 -14.66
CA ASN A 218 -11.92 8.47 -14.15
C ASN A 218 -12.45 8.38 -12.72
N VAL A 219 -12.11 9.32 -11.87
CA VAL A 219 -12.63 9.27 -10.54
C VAL A 219 -14.19 9.31 -10.59
N ALA A 220 -14.70 10.23 -11.39
CA ALA A 220 -16.10 10.54 -11.40
C ALA A 220 -16.86 9.34 -11.86
N PHE A 221 -16.28 8.59 -12.78
CA PHE A 221 -16.89 7.35 -13.22
C PHE A 221 -17.01 6.40 -12.04
N MET A 222 -15.91 6.22 -11.32
CA MET A 222 -15.91 5.42 -10.12
C MET A 222 -16.93 5.95 -9.09
N LYS A 223 -16.86 7.24 -8.77
CA LYS A 223 -17.81 7.79 -7.77
C LYS A 223 -19.28 7.67 -8.15
N SER A 224 -19.57 7.76 -9.44
CA SER A 224 -20.91 7.66 -9.93
C SER A 224 -21.38 6.19 -9.82
N TYR A 225 -20.49 5.21 -10.06
CA TYR A 225 -20.87 3.82 -9.86
C TYR A 225 -21.14 3.58 -8.34
N ILE A 226 -20.32 4.19 -7.50
CA ILE A 226 -20.50 4.05 -6.08
C ILE A 226 -21.82 4.66 -5.66
N LEU A 227 -22.26 5.71 -6.32
CA LEU A 227 -23.51 6.32 -5.94
C LEU A 227 -24.65 5.41 -6.30
N GLU A 228 -24.58 4.79 -7.46
CA GLU A 228 -25.65 3.84 -7.84
C GLU A 228 -25.84 2.81 -6.72
N LYS A 229 -24.74 2.30 -6.19
CA LYS A 229 -24.77 1.29 -5.16
C LYS A 229 -25.24 1.79 -3.81
N VAL A 230 -24.95 3.02 -3.49
CA VAL A 230 -25.36 3.55 -2.23
C VAL A 230 -26.87 3.61 -2.25
N LYS A 231 -27.42 3.96 -3.39
CA LYS A 231 -28.87 4.07 -3.51
C LYS A 231 -29.44 2.70 -3.23
N GLU A 232 -28.98 1.70 -3.98
CA GLU A 232 -29.44 0.35 -3.80
C GLU A 232 -29.36 -0.05 -2.35
N HIS A 233 -28.36 0.49 -1.65
CA HIS A 233 -28.14 0.16 -0.25
C HIS A 233 -29.09 0.92 0.66
N GLN A 234 -29.67 2.01 0.15
CA GLN A 234 -30.57 2.80 0.94
C GLN A 234 -31.97 2.25 0.83
N GLU A 235 -32.21 1.47 -0.21
CA GLU A 235 -33.51 0.90 -0.43
C GLU A 235 -33.60 -0.49 0.14
N SER A 236 -32.49 -1.02 0.64
CA SER A 236 -32.48 -2.36 1.20
C SER A 236 -31.78 -2.33 2.51
N MET A 237 -31.90 -1.23 3.21
CA MET A 237 -31.19 -1.09 4.49
C MET A 237 -31.82 -1.90 5.62
N ASP A 238 -31.03 -2.77 6.23
CA ASP A 238 -31.41 -3.50 7.43
C ASP A 238 -30.54 -2.94 8.56
N MET A 239 -31.06 -1.95 9.28
CA MET A 239 -30.42 -1.35 10.46
C MET A 239 -29.73 -2.28 11.47
N ASN A 240 -30.22 -3.52 11.58
CA ASN A 240 -29.66 -4.60 12.42
C ASN A 240 -28.61 -5.49 11.76
N ASN A 241 -28.53 -5.45 10.43
CA ASN A 241 -27.62 -6.26 9.67
C ASN A 241 -26.85 -5.50 8.58
N PRO A 242 -25.92 -4.61 8.96
CA PRO A 242 -25.02 -4.00 7.97
C PRO A 242 -24.06 -5.06 7.38
N GLN A 243 -23.97 -5.12 6.06
CA GLN A 243 -23.19 -6.18 5.43
C GLN A 243 -21.85 -5.78 4.75
N ASP A 244 -21.64 -4.48 4.65
CA ASP A 244 -20.51 -3.92 3.95
C ASP A 244 -20.18 -2.51 4.41
N PHE A 245 -19.17 -1.93 3.77
CA PHE A 245 -18.63 -0.66 4.23
C PHE A 245 -19.68 0.44 4.07
N ILE A 246 -20.47 0.35 3.01
CA ILE A 246 -21.54 1.33 2.72
C ILE A 246 -22.66 1.40 3.80
N ASP A 247 -23.29 0.26 4.07
CA ASP A 247 -24.16 0.09 5.23
C ASP A 247 -23.55 0.71 6.45
N CYS A 248 -22.34 0.31 6.79
CA CYS A 248 -21.74 0.87 8.01
C CYS A 248 -21.65 2.38 7.97
N PHE A 249 -21.39 2.93 6.78
CA PHE A 249 -21.20 4.36 6.63
C PHE A 249 -22.54 5.07 6.78
N LEU A 250 -23.54 4.54 6.07
CA LEU A 250 -24.93 5.02 6.20
C LEU A 250 -25.47 4.95 7.66
N MET A 251 -25.12 3.92 8.41
CA MET A 251 -25.54 3.86 9.81
C MET A 251 -24.83 4.90 10.64
N LYS A 252 -23.58 5.17 10.32
CA LYS A 252 -22.84 6.25 10.95
C LYS A 252 -23.48 7.60 10.63
N MET A 253 -23.99 7.75 9.44
CA MET A 253 -24.66 8.97 9.09
C MET A 253 -25.94 9.12 9.90
N GLU A 254 -26.80 8.11 9.85
CA GLU A 254 -28.05 8.15 10.58
C GLU A 254 -27.82 7.98 12.06
N LYS A 255 -26.75 8.56 12.55
CA LYS A 255 -26.40 8.45 13.94
C LYS A 255 -25.78 9.76 14.25
N GLU A 256 -25.54 10.51 13.20
CA GLU A 256 -24.93 11.82 13.30
C GLU A 256 -25.84 12.93 12.85
N LYS A 257 -27.06 12.58 12.51
CA LYS A 257 -28.00 13.57 12.01
C LYS A 257 -28.30 14.71 13.04
N HIS A 258 -28.09 14.44 14.30
CA HIS A 258 -28.26 15.47 15.28
C HIS A 258 -26.91 16.06 15.61
N ASN A 259 -26.08 16.23 14.60
CA ASN A 259 -24.77 16.84 14.81
C ASN A 259 -24.18 17.33 13.49
N GLN A 260 -24.84 18.25 12.82
CA GLN A 260 -24.25 18.79 11.61
C GLN A 260 -23.48 20.03 12.02
N PRO A 261 -22.47 20.45 11.24
CA PRO A 261 -22.08 19.73 10.04
C PRO A 261 -21.26 18.46 10.42
N SER A 262 -21.49 17.34 9.70
CA SER A 262 -20.78 16.08 9.96
C SER A 262 -19.71 15.76 8.95
N GLU A 263 -18.65 15.15 9.42
CA GLU A 263 -17.62 14.61 8.51
C GLU A 263 -18.16 13.44 7.70
N PHE A 264 -19.27 12.83 8.12
CA PHE A 264 -19.88 11.73 7.41
C PHE A 264 -21.03 12.19 6.57
N THR A 265 -20.82 12.18 5.26
CA THR A 265 -21.82 12.61 4.26
C THR A 265 -21.64 11.69 3.08
N ILE A 266 -22.63 11.62 2.19
CA ILE A 266 -22.51 10.86 0.94
C ILE A 266 -21.21 11.24 0.20
N GLU A 267 -20.76 12.49 0.32
CA GLU A 267 -19.59 12.94 -0.45
C GLU A 267 -18.29 12.40 0.12
N SER A 268 -18.16 12.41 1.46
CA SER A 268 -17.05 11.78 2.10
C SER A 268 -17.06 10.20 1.95
N LEU A 269 -18.23 9.59 1.88
CA LEU A 269 -18.38 8.16 1.57
C LEU A 269 -17.81 7.90 0.20
N GLU A 270 -18.17 8.68 -0.82
CA GLU A 270 -17.61 8.41 -2.13
C GLU A 270 -16.07 8.63 -2.22
N ASN A 271 -15.57 9.63 -1.50
CA ASN A 271 -14.18 9.94 -1.51
C ASN A 271 -13.42 8.92 -0.69
N THR A 272 -14.04 8.45 0.38
CA THR A 272 -13.36 7.44 1.20
C THR A 272 -13.18 6.08 0.46
N ALA A 273 -14.23 5.69 -0.26
CA ALA A 273 -14.23 4.52 -1.06
C ALA A 273 -13.24 4.60 -2.21
N VAL A 274 -13.08 5.80 -2.79
CA VAL A 274 -12.10 5.96 -3.87
C VAL A 274 -10.69 5.78 -3.29
N ASP A 275 -10.49 6.24 -2.07
CA ASP A 275 -9.26 6.01 -1.39
C ASP A 275 -8.95 4.52 -1.18
N LEU A 276 -9.96 3.75 -0.81
CA LEU A 276 -9.75 2.33 -0.53
C LEU A 276 -9.43 1.54 -1.79
N PHE A 277 -10.11 1.84 -2.87
CA PHE A 277 -9.69 1.31 -4.16
C PHE A 277 -8.28 1.72 -4.49
N GLY A 278 -7.97 2.99 -4.31
CA GLY A 278 -6.62 3.50 -4.65
C GLY A 278 -5.46 2.89 -3.88
N ALA A 279 -5.65 2.87 -2.56
CA ALA A 279 -4.69 2.37 -1.61
C ALA A 279 -4.65 0.82 -1.58
N GLY A 280 -5.77 0.19 -1.85
CA GLY A 280 -5.94 -1.23 -1.56
C GLY A 280 -5.65 -2.24 -2.63
N THR A 281 -5.42 -1.77 -3.84
CA THR A 281 -5.29 -2.62 -5.01
C THR A 281 -3.85 -2.77 -5.49
N GLU A 282 -3.25 -1.67 -5.89
CA GLU A 282 -2.02 -1.65 -6.65
C GLU A 282 -0.86 -2.14 -5.84
N THR A 283 -0.71 -1.62 -4.64
CA THR A 283 0.40 -2.06 -3.81
C THR A 283 0.35 -3.61 -3.48
N THR A 284 -0.84 -4.10 -3.14
CA THR A 284 -1.04 -5.55 -2.86
C THR A 284 -0.73 -6.40 -4.12
N SER A 285 -1.33 -5.95 -5.22
CA SER A 285 -1.13 -6.51 -6.55
C SER A 285 0.34 -6.60 -6.91
N THR A 286 1.04 -5.51 -6.70
CA THR A 286 2.47 -5.44 -7.05
C THR A 286 3.27 -6.32 -6.13
N THR A 287 2.91 -6.33 -4.85
CA THR A 287 3.58 -7.19 -3.91
C THR A 287 3.41 -8.69 -4.31
N LEU A 288 2.19 -9.09 -4.68
CA LEU A 288 1.93 -10.45 -5.11
C LEU A 288 2.72 -10.83 -6.36
N ARG A 289 2.76 -9.93 -7.32
CA ARG A 289 3.49 -10.16 -8.53
C ARG A 289 4.96 -10.30 -8.24
N TYR A 290 5.48 -9.47 -7.35
CA TYR A 290 6.87 -9.52 -6.99
C TYR A 290 7.21 -10.77 -6.22
N ALA A 291 6.27 -11.25 -5.44
CA ALA A 291 6.45 -12.45 -4.68
C ALA A 291 6.64 -13.63 -5.59
N LEU A 292 5.77 -13.79 -6.56
CA LEU A 292 5.91 -14.88 -7.52
C LEU A 292 7.23 -14.82 -8.29
N LEU A 293 7.65 -13.63 -8.72
CA LEU A 293 8.99 -13.49 -9.35
C LEU A 293 10.07 -13.99 -8.40
N LEU A 294 10.00 -13.63 -7.11
CA LEU A 294 11.06 -14.05 -6.22
C LEU A 294 11.01 -15.54 -5.99
N LEU A 295 9.80 -16.10 -5.99
CA LEU A 295 9.64 -17.55 -5.82
C LEU A 295 10.16 -18.32 -7.01
N LEU A 296 9.90 -17.82 -8.21
CA LEU A 296 10.51 -18.36 -9.42
C LEU A 296 12.02 -18.42 -9.35
N LYS A 297 12.62 -17.33 -8.91
CA LYS A 297 14.07 -17.22 -8.84
C LYS A 297 14.66 -18.06 -7.71
N HIS A 298 13.92 -18.27 -6.64
CA HIS A 298 14.42 -19.05 -5.51
C HIS A 298 13.51 -20.29 -5.27
N PRO A 299 13.61 -21.32 -6.14
CA PRO A 299 12.72 -22.50 -6.08
C PRO A 299 12.86 -23.34 -4.82
N GLU A 300 14.01 -23.30 -4.16
CA GLU A 300 14.17 -23.92 -2.85
C GLU A 300 13.23 -23.30 -1.83
N VAL A 301 13.06 -21.98 -1.93
CA VAL A 301 12.20 -21.23 -1.03
C VAL A 301 10.81 -21.70 -1.27
N THR A 302 10.39 -21.69 -2.53
CA THR A 302 9.04 -22.17 -2.86
C THR A 302 8.73 -23.59 -2.32
N ALA A 303 9.73 -24.45 -2.37
CA ALA A 303 9.56 -25.81 -1.99
C ALA A 303 9.36 -25.92 -0.50
N LYS A 304 10.14 -25.16 0.27
CA LYS A 304 9.92 -25.07 1.73
C LYS A 304 8.54 -24.53 2.12
N VAL A 305 7.96 -23.67 1.31
CA VAL A 305 6.65 -23.14 1.62
C VAL A 305 5.68 -24.24 1.33
N GLN A 306 5.86 -24.89 0.20
CA GLN A 306 4.97 -26.03 -0.12
C GLN A 306 4.99 -27.19 0.89
N GLU A 307 6.14 -27.40 1.53
CA GLU A 307 6.29 -28.40 2.56
C GLU A 307 5.43 -28.01 3.74
N GLU A 308 5.45 -26.72 4.10
CA GLU A 308 4.59 -26.24 5.18
C GLU A 308 3.15 -26.36 4.81
N ILE A 309 2.85 -26.03 3.57
CA ILE A 309 1.48 -26.05 3.16
C ILE A 309 0.92 -27.48 3.28
N GLU A 310 1.66 -28.41 2.69
CA GLU A 310 1.21 -29.79 2.56
C GLU A 310 1.04 -30.45 3.95
N ARG A 311 2.01 -30.21 4.82
CA ARG A 311 1.97 -30.66 6.20
C ARG A 311 0.94 -29.97 7.12
N VAL A 312 0.81 -28.64 7.10
CA VAL A 312 -0.18 -27.96 7.98
C VAL A 312 -1.59 -27.92 7.39
N ILE A 313 -1.70 -27.77 6.09
CA ILE A 313 -3.02 -27.49 5.49
C ILE A 313 -3.48 -28.71 4.70
N GLY A 314 -2.59 -29.28 3.88
CA GLY A 314 -2.91 -30.37 2.98
C GLY A 314 -3.64 -29.88 1.74
N ARG A 315 -4.50 -30.74 1.19
CA ARG A 315 -5.24 -30.48 -0.07
C ARG A 315 -6.77 -30.41 0.05
N ASN A 316 -7.34 -30.88 1.15
CA ASN A 316 -8.81 -30.97 1.28
C ASN A 316 -9.50 -29.74 1.86
N ARG A 317 -8.76 -28.64 1.87
CA ARG A 317 -9.31 -27.38 2.30
C ARG A 317 -8.44 -26.13 2.12
N SER A 318 -9.12 -25.01 1.94
CA SER A 318 -8.54 -23.66 1.96
C SER A 318 -7.58 -23.37 3.07
N PRO A 319 -6.62 -22.50 2.79
CA PRO A 319 -5.69 -22.02 3.81
C PRO A 319 -6.40 -20.87 4.55
N CYS A 320 -6.33 -20.84 5.87
CA CYS A 320 -7.00 -19.84 6.67
C CYS A 320 -5.90 -19.20 7.55
N MET A 321 -6.21 -18.02 8.07
CA MET A 321 -5.26 -17.28 8.91
C MET A 321 -4.70 -18.18 9.99
N GLN A 322 -5.61 -18.84 10.71
CA GLN A 322 -5.24 -19.75 11.79
C GLN A 322 -3.98 -20.54 11.44
N ASP A 323 -3.79 -20.89 10.15
CA ASP A 323 -2.58 -21.64 9.73
C ASP A 323 -1.28 -20.91 9.90
N ARG A 324 -1.34 -19.56 9.87
CA ARG A 324 -0.15 -18.76 9.77
C ARG A 324 0.75 -18.92 10.94
N SER A 325 0.20 -19.14 12.12
CA SER A 325 1.03 -19.33 13.33
C SER A 325 1.78 -20.69 13.36
N HIS A 326 1.31 -21.65 12.54
CA HIS A 326 2.00 -22.95 12.34
C HIS A 326 2.91 -22.97 11.11
N MET A 327 3.18 -21.85 10.46
CA MET A 327 3.86 -21.85 9.18
C MET A 327 4.86 -20.70 9.23
N PRO A 328 5.78 -20.77 10.15
CA PRO A 328 6.70 -19.65 10.29
C PRO A 328 7.55 -19.34 9.02
N TYR A 329 7.96 -20.40 8.31
CA TYR A 329 8.77 -20.24 7.13
C TYR A 329 7.94 -19.41 6.10
N THR A 330 6.69 -19.75 5.88
CA THR A 330 5.87 -18.98 4.95
C THR A 330 5.70 -17.54 5.39
N ASP A 331 5.48 -17.36 6.68
CA ASP A 331 5.38 -16.06 7.32
C ASP A 331 6.65 -15.25 7.08
N ALA A 332 7.79 -15.86 7.29
CA ALA A 332 9.04 -15.24 7.00
C ALA A 332 9.19 -14.87 5.47
N VAL A 333 8.68 -15.73 4.59
CA VAL A 333 8.84 -15.48 3.15
C VAL A 333 8.06 -14.20 2.75
N VAL A 334 6.82 -14.09 3.21
CA VAL A 334 5.95 -12.95 2.93
C VAL A 334 6.57 -11.69 3.54
N HIS A 335 7.01 -11.78 4.80
CA HIS A 335 7.61 -10.63 5.43
C HIS A 335 8.80 -10.19 4.58
N GLU A 336 9.62 -11.15 4.22
CA GLU A 336 10.84 -10.85 3.47
C GLU A 336 10.56 -10.32 2.07
N VAL A 337 9.48 -10.74 1.46
CA VAL A 337 9.12 -10.12 0.21
C VAL A 337 8.88 -8.62 0.39
N GLN A 338 8.07 -8.27 1.36
CA GLN A 338 7.75 -6.92 1.65
C GLN A 338 8.97 -6.09 2.04
N ARG A 339 9.89 -6.65 2.81
CA ARG A 339 11.06 -5.93 3.22
C ARG A 339 11.97 -5.67 2.04
N TYR A 340 12.17 -6.71 1.23
CA TYR A 340 13.13 -6.63 0.12
C TYR A 340 12.69 -5.66 -0.95
N ILE A 341 11.43 -5.69 -1.32
CA ILE A 341 10.97 -4.94 -2.50
C ILE A 341 10.70 -3.47 -2.19
N ASP A 342 10.36 -3.12 -0.93
CA ASP A 342 10.36 -1.73 -0.45
C ASP A 342 9.49 -0.83 -1.36
N LEU A 343 8.20 -1.18 -1.57
CA LEU A 343 7.39 -0.54 -2.60
C LEU A 343 7.15 0.94 -2.40
N LEU A 344 7.14 1.40 -1.18
CA LEU A 344 6.99 2.83 -0.87
C LEU A 344 8.20 3.31 -0.08
N PRO A 345 9.32 3.54 -0.76
CA PRO A 345 10.60 3.83 -0.09
C PRO A 345 10.60 5.07 0.75
N THR A 346 9.69 6.00 0.49
CA THR A 346 9.50 7.17 1.32
C THR A 346 8.10 7.33 1.86
N SER A 347 7.43 6.19 2.02
CA SER A 347 6.04 6.17 2.49
C SER A 347 5.13 7.08 1.64
N LEU A 348 4.27 7.84 2.30
CA LEU A 348 3.64 9.02 1.79
C LEU A 348 4.17 10.15 2.73
N PRO A 349 4.25 11.38 2.26
CA PRO A 349 4.77 12.48 3.07
C PRO A 349 3.97 12.86 4.29
N HIS A 350 4.66 13.19 5.35
CA HIS A 350 3.99 13.58 6.55
C HIS A 350 4.18 15.09 6.69
N ALA A 351 3.63 15.61 7.77
CA ALA A 351 3.74 17.01 8.13
C ALA A 351 3.51 17.06 9.64
N VAL A 352 4.27 17.91 10.31
CA VAL A 352 4.07 18.12 11.75
C VAL A 352 2.80 18.95 11.99
N THR A 353 2.06 18.62 13.03
CA THR A 353 0.78 19.24 13.29
C THR A 353 0.85 20.49 14.10
N CYS A 354 1.96 20.65 14.77
CA CYS A 354 2.22 21.85 15.58
C CYS A 354 3.73 22.20 15.61
N ASP A 355 4.08 23.27 16.32
CA ASP A 355 5.48 23.64 16.45
C ASP A 355 6.06 22.54 17.32
N ILE A 356 7.21 22.00 16.96
CA ILE A 356 7.76 20.92 17.75
C ILE A 356 9.25 20.88 17.80
N LYS A 357 9.78 20.64 18.99
CA LYS A 357 11.21 20.53 19.15
C LYS A 357 11.53 19.08 18.92
N PHE A 358 12.36 18.80 17.94
CA PHE A 358 12.74 17.44 17.65
C PHE A 358 14.22 17.36 17.79
N ARG A 359 14.69 16.62 18.80
CA ARG A 359 16.11 16.53 19.05
C ARG A 359 16.49 17.92 19.51
N ASN A 360 17.43 18.57 18.82
CA ASN A 360 17.78 19.91 19.18
C ASN A 360 17.43 20.89 18.09
N TYR A 361 16.43 20.52 17.30
CA TYR A 361 15.97 21.35 16.21
C TYR A 361 14.56 21.73 16.48
N LEU A 362 14.12 22.80 15.86
CA LEU A 362 12.77 23.29 16.03
C LEU A 362 12.18 23.20 14.66
N ILE A 363 11.03 22.56 14.55
CA ILE A 363 10.40 22.28 13.27
C ILE A 363 9.04 22.93 13.34
N PRO A 364 8.80 23.86 12.45
CA PRO A 364 7.56 24.61 12.59
C PRO A 364 6.40 23.83 12.13
N LYS A 365 5.25 24.08 12.74
CA LYS A 365 4.03 23.46 12.31
C LYS A 365 3.89 23.44 10.77
N GLY A 366 3.30 22.37 10.25
CA GLY A 366 3.02 22.20 8.79
C GLY A 366 4.23 21.87 7.93
N THR A 367 5.44 21.82 8.51
CA THR A 367 6.62 21.51 7.72
C THR A 367 6.44 20.03 7.29
N THR A 368 6.71 19.79 6.02
CA THR A 368 6.70 18.51 5.41
C THR A 368 7.83 17.60 5.93
N ILE A 369 7.43 16.39 6.30
CA ILE A 369 8.37 15.37 6.74
C ILE A 369 8.36 14.23 5.75
N LEU A 370 9.55 13.82 5.38
CA LEU A 370 9.76 12.72 4.49
C LEU A 370 10.46 11.57 5.23
N ILE A 371 9.77 10.43 5.33
CA ILE A 371 10.28 9.31 6.07
C ILE A 371 10.90 8.30 5.13
N SER A 372 12.14 7.95 5.37
CA SER A 372 12.76 6.94 4.57
C SER A 372 12.48 5.55 5.13
N LEU A 373 11.48 4.87 4.57
CA LEU A 373 11.25 3.48 4.96
C LEU A 373 12.37 2.54 4.48
N THR A 374 12.94 2.79 3.30
CA THR A 374 14.11 2.07 2.87
C THR A 374 15.19 1.91 3.94
N SER A 375 15.49 3.00 4.64
CA SER A 375 16.57 3.06 5.66
C SER A 375 16.30 2.10 6.83
N VAL A 376 15.02 1.83 7.09
CA VAL A 376 14.63 0.90 8.15
C VAL A 376 14.59 -0.54 7.58
N LEU A 377 13.78 -0.78 6.56
CA LEU A 377 13.69 -2.11 5.96
C LEU A 377 15.03 -2.68 5.46
N HIS A 378 15.97 -1.82 5.10
CA HIS A 378 17.27 -2.23 4.62
C HIS A 378 18.41 -1.83 5.58
N ASP A 379 18.08 -1.72 6.85
CA ASP A 379 19.11 -1.65 7.88
C ASP A 379 20.04 -2.85 7.80
N ASN A 380 21.35 -2.60 7.65
CA ASN A 380 22.29 -3.68 7.37
C ASN A 380 22.85 -4.34 8.61
N LYS A 381 22.43 -3.89 9.78
CA LYS A 381 22.72 -4.54 11.03
C LYS A 381 21.52 -5.40 11.48
N GLU A 382 20.29 -4.89 11.41
CA GLU A 382 19.10 -5.71 11.66
C GLU A 382 18.93 -6.80 10.59
N PHE A 383 19.24 -6.47 9.33
CA PHE A 383 19.07 -7.42 8.22
C PHE A 383 20.39 -7.51 7.45
N PRO A 384 21.36 -8.26 7.98
CA PRO A 384 22.67 -8.43 7.32
C PRO A 384 22.49 -8.85 5.89
N ASN A 385 23.24 -8.24 4.97
CA ASN A 385 22.98 -8.37 3.53
C ASN A 385 21.54 -7.96 3.14
N PRO A 386 21.15 -6.74 3.49
CA PRO A 386 19.79 -6.28 3.30
C PRO A 386 19.38 -6.20 1.85
N GLU A 387 20.34 -6.22 0.96
CA GLU A 387 20.09 -6.15 -0.45
C GLU A 387 19.75 -7.49 -1.07
N MET A 388 19.90 -8.55 -0.32
CA MET A 388 19.60 -9.91 -0.80
C MET A 388 18.29 -10.34 -0.22
N PHE A 389 17.48 -10.97 -1.06
CA PHE A 389 16.27 -11.71 -0.62
C PHE A 389 16.71 -12.96 0.06
N ASP A 390 16.29 -13.08 1.32
CA ASP A 390 16.65 -14.19 2.15
C ASP A 390 15.65 -14.30 3.29
N PRO A 391 14.80 -15.34 3.28
CA PRO A 391 13.78 -15.44 4.35
C PRO A 391 14.32 -15.58 5.78
N HIS A 392 15.59 -15.90 5.91
CA HIS A 392 16.19 -16.01 7.23
C HIS A 392 16.21 -14.71 7.97
N HIS A 393 16.15 -13.60 7.27
CA HIS A 393 16.02 -12.29 7.95
C HIS A 393 14.87 -12.26 8.99
N PHE A 394 13.85 -13.13 8.84
CA PHE A 394 12.72 -13.29 9.78
C PHE A 394 12.63 -14.73 10.41
N LEU A 395 13.78 -15.35 10.59
CA LEU A 395 13.87 -16.70 11.19
C LEU A 395 14.95 -16.70 12.24
N ASP A 396 14.67 -17.31 13.41
CA ASP A 396 15.76 -17.60 14.41
C ASP A 396 16.59 -18.87 14.05
N GLU A 397 17.62 -19.21 14.84
CA GLU A 397 18.46 -20.37 14.51
C GLU A 397 17.62 -21.66 14.61
N GLY A 398 16.54 -21.66 15.39
CA GLY A 398 15.62 -22.80 15.46
C GLY A 398 14.62 -22.98 14.36
N GLY A 399 14.56 -22.03 13.42
CA GLY A 399 13.54 -22.02 12.37
C GLY A 399 12.20 -21.39 12.74
N ASN A 400 12.09 -20.73 13.90
CA ASN A 400 10.86 -19.99 14.17
C ASN A 400 10.88 -18.57 13.65
N PHE A 401 9.66 -18.04 13.44
CA PHE A 401 9.45 -16.67 13.09
C PHE A 401 10.12 -15.71 14.10
N LYS A 402 10.98 -14.83 13.60
CA LYS A 402 11.59 -13.73 14.36
C LYS A 402 11.04 -12.34 13.90
N LYS A 403 10.14 -11.77 14.68
CA LYS A 403 9.66 -10.39 14.50
C LYS A 403 10.76 -9.35 14.45
N SER A 404 10.49 -8.26 13.74
CA SER A 404 11.42 -7.14 13.72
C SER A 404 10.68 -5.85 13.94
N LYS A 405 11.18 -5.03 14.86
CA LYS A 405 10.68 -3.66 15.03
C LYS A 405 10.95 -2.87 13.75
N TYR A 406 11.94 -3.30 12.93
CA TYR A 406 12.29 -2.70 11.69
C TYR A 406 11.41 -3.12 10.48
N PHE A 407 10.39 -3.93 10.71
CA PHE A 407 9.53 -4.28 9.67
C PHE A 407 8.46 -3.22 9.60
N MET A 408 8.69 -2.24 8.74
CA MET A 408 7.75 -1.10 8.50
C MET A 408 7.30 -0.86 7.06
N PRO A 409 6.99 -1.91 6.29
CA PRO A 409 6.58 -1.58 4.93
C PRO A 409 5.24 -0.91 4.85
N PHE A 410 4.50 -0.96 5.94
CA PHE A 410 3.23 -0.27 6.05
C PHE A 410 3.40 1.03 6.80
N SER A 411 4.64 1.52 6.94
CA SER A 411 4.90 2.71 7.76
C SER A 411 4.65 2.47 9.25
N ALA A 412 4.59 3.53 10.05
CA ALA A 412 4.40 3.35 11.48
C ALA A 412 3.72 4.51 12.09
N GLY A 413 3.15 4.25 13.26
CA GLY A 413 2.58 5.30 14.07
C GLY A 413 1.18 5.57 13.72
N LYS A 414 0.71 6.77 13.97
CA LYS A 414 -0.65 7.21 13.76
C LYS A 414 -1.17 7.10 12.38
N ARG A 415 -0.27 7.15 11.40
CA ARG A 415 -0.66 7.04 9.99
C ARG A 415 -0.35 5.67 9.35
N ILE A 416 -0.13 4.65 10.18
CA ILE A 416 0.17 3.32 9.67
C ILE A 416 -0.95 2.82 8.77
N CYS A 417 -0.56 2.21 7.68
CA CYS A 417 -1.53 1.70 6.69
C CYS A 417 -2.81 1.20 7.35
N VAL A 418 -3.95 1.75 6.97
CA VAL A 418 -5.24 1.22 7.40
C VAL A 418 -5.44 -0.23 6.97
N GLY A 419 -4.85 -0.67 5.82
CA GLY A 419 -5.05 -2.06 5.34
C GLY A 419 -4.02 -3.08 5.82
N GLU A 420 -3.30 -2.78 6.90
CA GLU A 420 -2.17 -3.63 7.25
C GLU A 420 -2.62 -5.12 7.40
N ALA A 421 -3.69 -5.28 8.14
CA ALA A 421 -4.21 -6.62 8.46
C ALA A 421 -4.85 -7.22 7.19
N LEU A 422 -5.64 -6.44 6.47
CA LEU A 422 -6.20 -6.91 5.23
C LEU A 422 -5.13 -7.32 4.20
N ALA A 423 -4.11 -6.49 4.01
CA ALA A 423 -3.07 -6.84 3.06
C ALA A 423 -2.36 -8.13 3.54
N GLY A 424 -2.15 -8.24 4.85
CA GLY A 424 -1.61 -9.43 5.46
C GLY A 424 -2.41 -10.69 5.16
N MET A 425 -3.72 -10.65 5.18
CA MET A 425 -4.53 -11.80 4.84
C MET A 425 -4.42 -12.11 3.37
N GLU A 426 -4.55 -11.10 2.54
CA GLU A 426 -4.48 -11.28 1.12
C GLU A 426 -3.20 -11.92 0.68
N LEU A 427 -2.09 -11.41 1.14
CA LEU A 427 -0.79 -11.97 0.82
C LEU A 427 -0.61 -13.41 1.27
N PHE A 428 -0.97 -13.73 2.52
CA PHE A 428 -0.81 -15.05 3.03
C PHE A 428 -1.80 -16.05 2.34
N LEU A 429 -3.05 -15.67 2.17
CA LEU A 429 -4.01 -16.60 1.63
C LEU A 429 -3.84 -16.78 0.15
N PHE A 430 -3.60 -15.72 -0.59
CA PHE A 430 -3.38 -15.83 -2.03
C PHE A 430 -2.10 -16.57 -2.32
N LEU A 431 -0.99 -16.29 -1.65
CA LEU A 431 0.26 -17.03 -1.93
C LEU A 431 0.17 -18.52 -1.58
N THR A 432 -0.34 -18.82 -0.38
CA THR A 432 -0.55 -20.20 0.03
C THR A 432 -1.51 -20.94 -0.90
N SER A 433 -2.61 -20.33 -1.29
CA SER A 433 -3.53 -20.97 -2.18
C SER A 433 -2.91 -21.23 -3.54
N ILE A 434 -2.03 -20.36 -3.98
CA ILE A 434 -1.43 -20.57 -5.30
C ILE A 434 -0.47 -21.77 -5.25
N LEU A 435 0.37 -21.81 -4.22
CA LEU A 435 1.38 -22.82 -4.12
C LEU A 435 0.86 -24.11 -3.58
N GLN A 436 -0.33 -24.09 -3.01
CA GLN A 436 -1.09 -25.28 -2.73
C GLN A 436 -1.48 -25.99 -4.02
N ASN A 437 -1.87 -25.24 -5.05
CA ASN A 437 -2.42 -25.79 -6.26
C ASN A 437 -1.48 -25.80 -7.49
N PHE A 438 -0.31 -25.14 -7.43
CA PHE A 438 0.58 -25.01 -8.58
C PHE A 438 2.07 -25.06 -8.25
N ASN A 439 2.85 -25.43 -9.25
CA ASN A 439 4.29 -25.19 -9.19
C ASN A 439 4.49 -24.12 -10.20
N LEU A 440 5.65 -23.47 -10.08
CA LEU A 440 5.98 -22.28 -10.89
C LEU A 440 7.17 -22.65 -11.79
N LYS A 441 7.00 -22.37 -13.07
CA LYS A 441 7.98 -22.63 -14.11
C LYS A 441 8.21 -21.35 -14.90
N SER A 442 9.46 -20.92 -14.87
CA SER A 442 9.95 -19.80 -15.65
C SER A 442 10.09 -20.17 -17.14
N LEU A 443 9.84 -19.22 -18.04
CA LEU A 443 10.20 -19.39 -19.46
C LEU A 443 11.72 -19.41 -19.64
N VAL A 444 12.34 -18.29 -19.29
CA VAL A 444 13.79 -18.13 -19.25
C VAL A 444 14.45 -19.00 -18.15
N ASP A 445 15.78 -19.04 -18.13
CA ASP A 445 16.53 -19.75 -17.09
C ASP A 445 16.42 -18.97 -15.80
N PRO A 446 16.06 -19.63 -14.67
CA PRO A 446 16.00 -18.91 -13.39
C PRO A 446 17.24 -18.07 -13.08
N LYS A 447 18.40 -18.57 -13.46
CA LYS A 447 19.63 -17.84 -13.25
C LYS A 447 19.70 -16.58 -14.10
N ASN A 448 18.84 -16.49 -15.09
CA ASN A 448 18.84 -15.33 -15.95
C ASN A 448 17.82 -14.26 -15.59
N LEU A 449 17.01 -14.51 -14.59
CA LEU A 449 16.01 -13.54 -14.19
C LEU A 449 16.64 -12.50 -13.32
N ASP A 450 16.20 -11.26 -13.42
CA ASP A 450 16.72 -10.21 -12.57
C ASP A 450 15.59 -9.78 -11.70
N THR A 451 15.80 -9.79 -10.41
CA THR A 451 14.75 -9.44 -9.49
C THR A 451 14.97 -8.09 -8.87
N THR A 452 16.02 -7.42 -9.29
CA THR A 452 16.32 -6.13 -8.76
C THR A 452 15.25 -5.15 -9.20
N PRO A 453 14.77 -4.36 -8.25
CA PRO A 453 13.66 -3.42 -8.50
C PRO A 453 13.92 -2.20 -9.40
N VAL A 454 12.96 -1.95 -10.29
CA VAL A 454 12.99 -0.78 -11.21
C VAL A 454 12.38 0.45 -10.47
N VAL A 455 13.22 1.40 -10.10
CA VAL A 455 12.73 2.58 -9.43
C VAL A 455 12.56 3.73 -10.40
N ASN A 456 11.51 4.49 -10.19
CA ASN A 456 11.22 5.65 -11.02
C ASN A 456 10.57 6.68 -10.16
N GLY A 457 11.36 7.44 -9.43
CA GLY A 457 10.81 8.44 -8.55
C GLY A 457 10.63 7.92 -7.16
N PHE A 458 9.41 7.99 -6.66
CA PHE A 458 9.06 7.54 -5.33
C PHE A 458 8.41 6.18 -5.43
N ALA A 459 8.69 5.44 -6.46
CA ALA A 459 8.02 4.16 -6.59
C ALA A 459 8.84 3.04 -7.17
N SER A 460 8.78 1.90 -6.50
CA SER A 460 9.46 0.70 -6.90
C SER A 460 8.46 -0.17 -7.62
N VAL A 461 8.95 -1.03 -8.47
CA VAL A 461 8.18 -1.94 -9.32
C VAL A 461 9.04 -3.14 -9.80
N PRO A 462 8.47 -4.37 -9.85
CA PRO A 462 9.25 -5.46 -10.41
C PRO A 462 9.43 -5.31 -11.94
N PRO A 463 10.48 -5.92 -12.50
CA PRO A 463 10.58 -6.01 -13.95
C PRO A 463 9.58 -6.97 -14.49
N PHE A 464 9.39 -6.88 -15.80
CA PHE A 464 8.50 -7.74 -16.56
C PHE A 464 8.95 -9.18 -16.53
N TYR A 465 8.01 -10.12 -16.51
CA TYR A 465 8.31 -11.54 -16.57
C TYR A 465 7.07 -12.34 -16.83
N GLN A 466 7.25 -13.55 -17.35
CA GLN A 466 6.16 -14.51 -17.52
C GLN A 466 6.51 -15.77 -16.83
N LEU A 467 5.49 -16.60 -16.61
CA LEU A 467 5.68 -17.90 -15.95
C LEU A 467 4.52 -18.80 -16.29
N CYS A 468 4.66 -20.08 -15.95
CA CYS A 468 3.60 -21.05 -16.16
C CYS A 468 3.13 -21.59 -14.82
N PHE A 469 1.81 -21.74 -14.69
CA PHE A 469 1.24 -22.26 -13.48
C PHE A 469 0.93 -23.68 -13.76
N ILE A 470 1.80 -24.55 -13.30
CA ILE A 470 1.69 -25.98 -13.50
C ILE A 470 0.97 -26.66 -12.37
N PRO A 471 -0.26 -27.18 -12.74
CA PRO A 471 -1.00 -27.81 -11.65
C PRO A 471 -0.32 -28.97 -10.99
N ILE A 472 -0.63 -29.14 -9.73
CA ILE A 472 -0.13 -30.20 -8.93
C ILE A 472 -1.35 -31.06 -8.84
CHA HEM B . -1.50 4.16 3.65
CHB HEM B . 1.41 0.59 2.55
CHC HEM B . -2.39 -2.05 1.20
CHD HEM B . -5.32 1.33 2.81
C1A HEM B . -0.40 3.43 3.42
C2A HEM B . 0.88 3.88 3.62
C3A HEM B . 1.71 2.88 3.32
C4A HEM B . 0.92 1.80 2.94
CMA HEM B . 3.21 2.92 3.40
CAA HEM B . 1.28 5.25 4.08
CBA HEM B . 1.43 5.43 5.58
CGA HEM B . 1.92 6.80 5.90
O1A HEM B . 2.90 6.98 6.58
O2A HEM B . 1.34 7.79 5.51
C1B HEM B . 0.59 -0.41 2.04
C2B HEM B . 1.11 -1.58 1.53
C3B HEM B . 0.07 -2.33 1.14
C4B HEM B . -1.12 -1.56 1.45
CMB HEM B . 2.56 -1.94 1.39
CAB HEM B . 0.04 -3.65 0.50
CBB HEM B . 0.96 -4.54 0.65
C1C HEM B . -3.52 -1.41 1.58
C2C HEM B . -4.79 -1.92 1.51
C3C HEM B . -5.64 -0.96 1.96
C4C HEM B . -4.87 0.16 2.31
CMC HEM B . -5.19 -3.28 1.03
CAC HEM B . -7.08 -1.19 2.00
CBC HEM B . -7.85 -0.81 3.00
C1D HEM B . -4.46 2.38 3.13
C2D HEM B . -4.95 3.66 3.56
C3D HEM B . -3.91 4.42 3.78
C4D HEM B . -2.75 3.62 3.50
CMD HEM B . -6.35 4.12 3.73
CAD HEM B . -3.94 5.85 4.24
CBD HEM B . -3.79 5.89 5.75
CGD HEM B . -3.73 7.27 6.31
O1D HEM B . -3.15 8.16 5.72
O2D HEM B . -4.22 7.54 7.39
NA HEM B . -0.38 2.14 2.98
NB HEM B . -0.73 -0.43 1.99
NC HEM B . -3.57 -0.15 2.07
ND HEM B . -3.14 2.40 3.13
FE HEM B . -2.00 1.05 2.68
CL LSN C . -6.90 11.02 -9.20
C17 LSN C . -7.10 9.57 -8.21
C15 LSN C . -7.28 9.61 -6.71
C16 LSN C . -6.72 10.68 -5.79
O LSN C . -6.84 10.32 -4.44
N6 LSN C . -7.49 8.30 -8.73
C18 LSN C . -7.59 7.45 -7.60
C19 LSN C . -7.96 5.99 -7.61
C20 LSN C . -8.50 5.59 -8.96
C21 LSN C . -9.93 6.07 -9.14
C22 LSN C . -10.48 5.61 -10.45
N5 LSN C . -7.37 8.19 -6.42
C12 LSN C . -7.45 7.64 -5.12
C11 LSN C . -6.12 7.20 -4.60
C10 LSN C . -5.07 6.68 -5.55
C9 LSN C . -3.77 6.23 -4.95
C13 LSN C . -5.97 7.31 -3.12
C14 LSN C . -4.67 6.88 -2.52
C8 LSN C . -3.62 6.38 -3.46
C7 LSN C . -2.37 5.92 -2.79
C6 LSN C . -2.62 5.15 -1.52
C5 LSN C . -1.44 4.61 -0.76
C4 LSN C . -0.05 4.84 -1.28
C3 LSN C . 0.19 5.60 -2.56
C2 LSN C . -0.99 6.13 -3.30
C1 LSN C . -0.65 6.89 -4.56
N1 LSN C . -0.66 8.32 -4.68
N4 LSN C . -0.59 6.27 -5.85
N3 LSN C . -0.43 7.31 -6.59
N2 LSN C . -0.46 8.44 -5.94
CL LSN D . -10.39 11.24 -21.15
C17 LSN D . -9.30 12.60 -21.41
C15 LSN D . -8.22 12.72 -22.49
C16 LSN D . -7.43 11.57 -23.10
O LSN D . -6.12 11.94 -23.47
N6 LSN D . -9.64 13.85 -20.86
C18 LSN D . -8.64 14.74 -21.33
C19 LSN D . -8.55 16.20 -20.98
C20 LSN D . -8.75 17.17 -22.11
C21 LSN D . -8.43 18.57 -21.62
C22 LSN D . -7.16 19.11 -22.27
N5 LSN D . -7.71 14.04 -22.19
C12 LSN D . -6.64 14.73 -22.85
C11 LSN D . -5.21 14.54 -22.44
C10 LSN D . -4.78 13.77 -21.25
C9 LSN D . -3.29 13.70 -21.00
C13 LSN D . -4.29 15.26 -23.38
C14 LSN D . -2.82 15.20 -23.14
C8 LSN D . -2.38 14.43 -21.94
C7 LSN D . -0.90 14.38 -21.78
C6 LSN D . -0.26 13.07 -22.12
C5 LSN D . 1.23 13.00 -22.01
C4 LSN D . 2.04 14.20 -21.59
C3 LSN D . 1.37 15.50 -21.28
C2 LSN D . -0.10 15.57 -21.40
C1 LSN D . -0.71 16.90 -21.05
N1 LSN D . -1.82 17.09 -20.22
N4 LSN D . -0.41 18.09 -21.72
N3 LSN D . -1.24 18.89 -21.17
N2 LSN D . -2.03 18.33 -20.33
C1 FRU E . 7.58 26.53 -5.36
C2 FRU E . 7.39 26.17 -3.93
C3 FRU E . 6.09 25.45 -3.63
C4 FRU E . 5.82 25.85 -2.20
C5 FRU E . 6.36 27.27 -2.16
C6 FRU E . 6.78 27.70 -0.78
O1 FRU E . 8.60 25.62 -5.75
O2 FRU E . 8.46 25.28 -3.76
O3 FRU E . 6.24 24.04 -3.81
O4 FRU E . 4.42 25.82 -1.88
O5 FRU E . 7.48 27.27 -3.04
O6 FRU E . 5.89 27.24 0.23
K K F . -4.02 19.49 -23.82
#